data_8YEY
#
_entry.id   8YEY
#
_cell.length_a   38.077
_cell.length_b   29.438
_cell.length_c   126.462
_cell.angle_alpha   90.00
_cell.angle_beta   89.91
_cell.angle_gamma   90.00
#
_symmetry.space_group_name_H-M   'P 1 2 1'
#
loop_
_entity.id
_entity.type
_entity.pdbx_description
1 polymer 'Activating signal cointegrator 1'
2 polymer "DNA (5'-D(*GP*TP*TP*TP*C)-3')"
3 water water
#
loop_
_entity_poly.entity_id
_entity_poly.type
_entity_poly.pdbx_seq_one_letter_code
_entity_poly.pdbx_strand_id
1 'polypeptide(L)'
;SWCLSVHQPWASLLVRGIKRVEGRSWYTPHRGRLWIAATAKKPSPQEVSELQATYRLLRGKDVEFPNDYPSGCLLGCVDL
IDCLSQKQFKEQFPDISQESDSPFVFICKNPQEMVVKFPIKGNPKIWKLDSKIHQGAKKGLMKQNKAV
;
C,A
2 'polydeoxyribonucleotide' (DG)(DT)(DT)(DT)(DC) D,B
#
# COMPACT_ATOMS: atom_id res chain seq x y z
N SER A 1 -13.73 20.72 -20.32
CA SER A 1 -14.99 20.18 -20.84
C SER A 1 -14.97 18.65 -21.05
N TRP A 2 -14.06 17.95 -20.39
CA TRP A 2 -14.04 16.50 -20.44
C TRP A 2 -13.83 15.96 -19.04
N CYS A 3 -14.55 14.90 -18.70
CA CYS A 3 -14.66 14.43 -17.34
C CYS A 3 -14.51 12.91 -17.29
N LEU A 4 -13.90 12.43 -16.22
CA LEU A 4 -13.76 11.01 -15.95
C LEU A 4 -14.45 10.71 -14.62
N SER A 5 -15.35 9.71 -14.62
CA SER A 5 -15.94 9.25 -13.38
C SER A 5 -15.03 8.25 -12.69
N VAL A 6 -14.87 8.40 -11.38
CA VAL A 6 -14.03 7.50 -10.61
C VAL A 6 -14.75 7.16 -9.30
N HIS A 7 -14.71 5.88 -8.93
CA HIS A 7 -15.21 5.47 -7.62
C HIS A 7 -14.50 6.21 -6.50
N GLN A 8 -15.25 6.53 -5.46
CA GLN A 8 -14.62 6.89 -4.21
C GLN A 8 -14.08 5.63 -3.55
N PRO A 9 -13.05 5.75 -2.71
CA PRO A 9 -12.35 6.96 -2.26
C PRO A 9 -11.23 7.43 -3.22
N TRP A 10 -10.94 6.65 -4.27
CA TRP A 10 -9.92 7.04 -5.24
C TRP A 10 -10.20 8.42 -5.83
N ALA A 11 -11.48 8.73 -6.08
CA ALA A 11 -11.82 9.99 -6.74
C ALA A 11 -11.28 11.19 -5.97
N SER A 12 -11.58 11.29 -4.68
CA SER A 12 -11.13 12.46 -3.91
C SER A 12 -9.62 12.43 -3.70
N LEU A 13 -9.03 11.24 -3.58
CA LEU A 13 -7.57 11.15 -3.52
C LEU A 13 -6.92 11.74 -4.77
N LEU A 14 -7.59 11.64 -5.92
CA LEU A 14 -7.02 12.22 -7.14
C LEU A 14 -6.99 13.75 -7.09
N VAL A 15 -8.12 14.38 -6.77
CA VAL A 15 -8.14 15.84 -6.82
C VAL A 15 -7.39 16.44 -5.63
N ARG A 16 -7.12 15.65 -4.60
CA ARG A 16 -6.30 16.08 -3.50
C ARG A 16 -4.81 16.06 -3.84
N GLY A 17 -4.42 15.29 -4.86
CA GLY A 17 -3.02 15.10 -5.16
C GLY A 17 -2.34 13.99 -4.41
N ILE A 18 -3.08 13.25 -3.57
CA ILE A 18 -2.49 12.12 -2.86
C ILE A 18 -2.28 10.95 -3.81
N LYS A 19 -3.35 10.52 -4.49
CA LYS A 19 -3.23 9.56 -5.59
C LYS A 19 -2.80 10.32 -6.84
N ARG A 20 -1.63 9.97 -7.36
CA ARG A 20 -0.96 10.71 -8.42
C ARG A 20 -1.17 10.11 -9.80
N VAL A 21 -1.64 8.87 -9.91
CA VAL A 21 -1.92 8.22 -11.18
C VAL A 21 -3.23 7.43 -11.05
N GLU A 22 -3.78 7.06 -12.21
CA GLU A 22 -5.08 6.40 -12.27
C GLU A 22 -5.03 5.32 -13.33
N GLY A 23 -5.17 4.06 -12.91
CA GLY A 23 -5.05 2.93 -13.81
C GLY A 23 -6.38 2.54 -14.42
N ARG A 24 -6.32 2.14 -15.69
CA ARG A 24 -7.48 1.63 -16.42
C ARG A 24 -7.02 0.50 -17.34
N SER A 25 -8.00 -0.23 -17.88
CA SER A 25 -7.73 -1.28 -18.85
C SER A 25 -7.68 -0.77 -20.28
N TRP A 26 -7.93 0.52 -20.51
CA TRP A 26 -8.03 1.08 -21.85
C TRP A 26 -7.15 2.32 -21.96
N TYR A 27 -6.68 2.58 -23.19
CA TYR A 27 -5.87 3.76 -23.47
C TYR A 27 -6.77 4.94 -23.85
N THR A 28 -6.43 6.14 -23.31
CA THR A 28 -7.07 7.33 -23.86
C THR A 28 -6.04 8.19 -24.61
N PRO A 29 -6.41 8.75 -25.76
CA PRO A 29 -5.57 9.77 -26.39
C PRO A 29 -5.70 11.14 -25.74
N HIS A 30 -6.61 11.29 -24.78
CA HIS A 30 -6.91 12.60 -24.23
C HIS A 30 -5.72 13.14 -23.44
N ARG A 31 -5.47 14.43 -23.59
CA ARG A 31 -4.37 15.09 -22.91
C ARG A 31 -4.85 16.46 -22.45
N GLY A 32 -4.46 16.85 -21.26
CA GLY A 32 -4.84 18.13 -20.72
C GLY A 32 -5.90 18.02 -19.64
N ARG A 33 -6.61 19.13 -19.44
CA ARG A 33 -7.54 19.24 -18.33
C ARG A 33 -8.56 18.11 -18.36
N LEU A 34 -8.68 17.41 -17.23
CA LEU A 34 -9.63 16.31 -17.12
C LEU A 34 -10.33 16.46 -15.77
N TRP A 35 -11.64 16.72 -15.81
CA TRP A 35 -12.43 16.80 -14.59
C TRP A 35 -12.63 15.41 -13.98
N ILE A 36 -12.83 15.39 -12.67
CA ILE A 36 -13.05 14.15 -11.92
C ILE A 36 -14.41 14.23 -11.23
N ALA A 37 -15.31 13.32 -11.58
CA ALA A 37 -16.58 13.14 -10.89
C ALA A 37 -16.54 11.84 -10.10
N ALA A 38 -16.95 11.89 -8.84
CA ALA A 38 -17.16 10.66 -8.10
C ALA A 38 -18.39 9.93 -8.65
N THR A 39 -18.29 8.61 -8.76
CA THR A 39 -19.45 7.84 -9.14
C THR A 39 -20.47 7.90 -8.02
N ALA A 40 -21.67 7.37 -8.32
CA ALA A 40 -22.74 7.29 -7.33
C ALA A 40 -22.45 6.26 -6.23
N LYS A 41 -21.56 5.31 -6.49
CA LYS A 41 -21.34 4.19 -5.57
C LYS A 41 -20.71 4.70 -4.28
N LYS A 42 -21.39 4.47 -3.16
CA LYS A 42 -20.93 5.00 -1.89
C LYS A 42 -19.81 4.12 -1.33
N PRO A 43 -18.66 4.69 -0.96
CA PRO A 43 -17.58 3.88 -0.42
C PRO A 43 -17.85 3.44 1.02
N SER A 44 -17.55 2.18 1.29
CA SER A 44 -17.70 1.63 2.63
C SER A 44 -16.58 2.11 3.56
N PRO A 45 -16.83 2.16 4.87
CA PRO A 45 -15.74 2.47 5.81
C PRO A 45 -14.54 1.54 5.70
N GLN A 46 -14.73 0.26 5.40
CA GLN A 46 -13.60 -0.63 5.20
C GLN A 46 -12.75 -0.20 4.01
N GLU A 47 -13.39 0.17 2.89
CA GLU A 47 -12.64 0.65 1.73
C GLU A 47 -11.86 1.93 2.05
N VAL A 48 -12.49 2.88 2.76
CA VAL A 48 -11.76 4.07 3.21
C VAL A 48 -10.56 3.67 4.05
N SER A 49 -10.77 2.80 5.04
CA SER A 49 -9.66 2.37 5.89
C SER A 49 -8.56 1.73 5.05
N GLU A 50 -8.94 0.84 4.13
CA GLU A 50 -7.96 0.13 3.32
C GLU A 50 -7.16 1.10 2.46
N LEU A 51 -7.83 2.08 1.85
CA LEU A 51 -7.11 2.99 0.98
C LEU A 51 -6.25 3.95 1.79
N GLN A 52 -6.78 4.44 2.90
CA GLN A 52 -5.99 5.36 3.71
C GLN A 52 -4.75 4.67 4.27
N ALA A 53 -4.89 3.44 4.76
CA ALA A 53 -3.74 2.66 5.18
C ALA A 53 -2.73 2.51 4.05
N THR A 54 -3.21 2.22 2.83
CA THR A 54 -2.29 2.07 1.70
C THR A 54 -1.54 3.38 1.44
N TYR A 55 -2.23 4.50 1.49
CA TYR A 55 -1.52 5.72 1.13
C TYR A 55 -0.71 6.29 2.28
N ARG A 56 -1.00 5.90 3.52
CA ARG A 56 -0.05 6.21 4.59
C ARG A 56 1.27 5.49 4.36
N LEU A 57 1.24 4.32 3.75
CA LEU A 57 2.49 3.68 3.35
C LEU A 57 3.18 4.46 2.25
N LEU A 58 2.42 4.84 1.21
CA LEU A 58 3.04 5.43 0.02
C LEU A 58 3.48 6.87 0.24
N ARG A 59 2.77 7.63 1.07
CA ARG A 59 3.08 9.04 1.26
C ARG A 59 3.55 9.37 2.66
N GLY A 60 3.58 8.41 3.57
CA GLY A 60 4.05 8.65 4.91
C GLY A 60 2.93 8.96 5.88
N LYS A 61 3.29 8.93 7.17
CA LYS A 61 2.32 9.15 8.24
C LYS A 61 1.73 10.56 8.24
N ASP A 62 2.34 11.51 7.54
CA ASP A 62 1.85 12.89 7.59
C ASP A 62 0.71 13.17 6.63
N VAL A 63 0.34 12.22 5.78
CA VAL A 63 -0.64 12.52 4.75
C VAL A 63 -1.98 12.81 5.39
N GLU A 64 -2.67 13.82 4.87
CA GLU A 64 -3.94 14.30 5.39
C GLU A 64 -5.02 13.98 4.36
N PHE A 65 -5.95 13.12 4.73
CA PHE A 65 -6.91 12.61 3.76
C PHE A 65 -8.11 13.54 3.65
N PRO A 66 -8.84 13.47 2.54
CA PRO A 66 -10.15 14.13 2.48
C PRO A 66 -10.98 13.78 3.70
N ASN A 67 -11.62 14.80 4.28
CA ASN A 67 -12.53 14.65 5.42
C ASN A 67 -13.70 13.75 5.10
N ASP A 68 -14.09 13.72 3.84
CA ASP A 68 -15.31 13.09 3.40
C ASP A 68 -15.07 12.73 1.95
N TYR A 69 -15.75 11.68 1.49
CA TYR A 69 -15.58 11.14 0.15
C TYR A 69 -16.93 11.16 -0.57
N PRO A 70 -17.42 12.36 -0.95
CA PRO A 70 -18.78 12.45 -1.50
C PRO A 70 -18.94 11.71 -2.81
N SER A 71 -20.12 11.13 -3.00
CA SER A 71 -20.40 10.35 -4.19
C SER A 71 -21.29 11.14 -5.17
N GLY A 72 -21.20 10.78 -6.45
CA GLY A 72 -22.03 11.38 -7.49
C GLY A 72 -21.90 12.89 -7.53
N CYS A 73 -20.68 13.36 -7.73
CA CYS A 73 -20.31 14.72 -7.38
C CYS A 73 -19.13 15.09 -8.26
N LEU A 74 -19.20 16.25 -8.89
CA LEU A 74 -18.05 16.84 -9.57
C LEU A 74 -17.10 17.42 -8.51
N LEU A 75 -15.87 16.89 -8.44
CA LEU A 75 -14.93 17.20 -7.37
C LEU A 75 -13.90 18.26 -7.73
N GLY A 76 -13.48 18.33 -8.99
CA GLY A 76 -12.28 19.05 -9.35
C GLY A 76 -11.70 18.49 -10.62
N CYS A 77 -10.41 18.74 -10.83
CA CYS A 77 -9.78 18.38 -12.09
C CYS A 77 -8.29 18.13 -11.90
N VAL A 78 -7.75 17.34 -12.82
CA VAL A 78 -6.33 17.10 -12.92
C VAL A 78 -5.90 17.49 -14.32
N ASP A 79 -4.58 17.50 -14.54
CA ASP A 79 -3.99 17.58 -15.86
C ASP A 79 -3.55 16.18 -16.27
N LEU A 80 -4.15 15.66 -17.33
CA LEU A 80 -3.77 14.36 -17.88
C LEU A 80 -2.60 14.59 -18.82
N ILE A 81 -1.38 14.42 -18.31
CA ILE A 81 -0.21 14.73 -19.13
C ILE A 81 0.24 13.57 -20.00
N ASP A 82 -0.10 12.32 -19.63
CA ASP A 82 0.26 11.20 -20.46
C ASP A 82 -0.60 10.01 -20.10
N CYS A 83 -0.63 9.03 -20.99
CA CYS A 83 -1.34 7.76 -20.77
C CYS A 83 -0.36 6.65 -21.11
N LEU A 84 0.35 6.15 -20.11
CA LEU A 84 1.42 5.20 -20.32
C LEU A 84 0.93 3.77 -20.20
N SER A 85 1.53 2.89 -21.00
CA SER A 85 1.45 1.47 -20.73
C SER A 85 2.14 1.16 -19.40
N GLN A 86 1.78 0.02 -18.79
CA GLN A 86 2.41 -0.33 -17.52
C GLN A 86 3.92 -0.42 -17.67
N LYS A 87 4.39 -0.95 -18.81
CA LYS A 87 5.82 -0.99 -19.12
C LYS A 87 6.45 0.40 -19.03
N GLN A 88 5.92 1.36 -19.80
CA GLN A 88 6.51 2.71 -19.78
C GLN A 88 6.35 3.34 -18.40
N PHE A 89 5.24 3.05 -17.72
CA PHE A 89 5.04 3.61 -16.38
C PHE A 89 6.17 3.21 -15.44
N LYS A 90 6.49 1.91 -15.35
CA LYS A 90 7.58 1.48 -14.48
C LYS A 90 8.91 2.12 -14.86
N GLU A 91 9.15 2.32 -16.16
CA GLU A 91 10.41 2.91 -16.59
C GLU A 91 10.46 4.40 -16.29
N GLN A 92 9.38 5.12 -16.56
CA GLN A 92 9.42 6.57 -16.42
C GLN A 92 9.19 7.04 -14.99
N PHE A 93 8.48 6.25 -14.19
CA PHE A 93 8.17 6.63 -12.80
C PHE A 93 8.60 5.51 -11.86
N PRO A 94 9.91 5.20 -11.81
CA PRO A 94 10.37 4.11 -10.94
C PRO A 94 10.19 4.41 -9.46
N ASP A 95 10.08 5.68 -9.07
CA ASP A 95 9.89 5.99 -7.65
C ASP A 95 8.45 5.75 -7.19
N ILE A 96 7.51 5.50 -8.09
CA ILE A 96 6.14 5.27 -7.68
C ILE A 96 5.55 4.11 -8.46
N SER A 97 6.41 3.31 -9.10
CA SER A 97 5.95 2.25 -9.98
C SER A 97 4.99 1.27 -9.32
N GLN A 98 5.07 1.12 -7.99
CA GLN A 98 4.19 0.18 -7.31
C GLN A 98 2.77 0.70 -7.14
N GLU A 99 2.53 1.96 -7.48
CA GLU A 99 1.26 2.61 -7.21
C GLU A 99 0.18 2.29 -8.24
N SER A 100 0.52 1.61 -9.34
CA SER A 100 -0.48 1.17 -10.30
CA SER A 100 -0.50 1.14 -10.26
C SER A 100 0.03 -0.03 -11.07
N ASP A 101 -0.76 -1.10 -11.11
CA ASP A 101 -0.43 -2.31 -11.87
C ASP A 101 -1.29 -2.43 -13.12
N SER A 102 -2.01 -1.37 -13.49
CA SER A 102 -3.01 -1.45 -14.54
C SER A 102 -2.34 -1.49 -15.92
N PRO A 103 -3.06 -1.96 -16.94
CA PRO A 103 -2.48 -1.94 -18.30
C PRO A 103 -2.11 -0.54 -18.78
N PHE A 104 -2.92 0.44 -18.42
CA PHE A 104 -2.68 1.82 -18.79
C PHE A 104 -2.80 2.69 -17.54
N VAL A 105 -1.84 3.60 -17.38
CA VAL A 105 -1.69 4.41 -16.18
C VAL A 105 -1.80 5.87 -16.60
N PHE A 106 -2.80 6.57 -16.06
CA PHE A 106 -3.07 7.95 -16.41
C PHE A 106 -2.22 8.86 -15.53
N ILE A 107 -1.29 9.61 -16.13
CA ILE A 107 -0.38 10.47 -15.37
C ILE A 107 -1.10 11.79 -15.09
N CYS A 108 -1.37 12.06 -13.81
CA CYS A 108 -2.15 13.22 -13.39
C CYS A 108 -1.28 14.27 -12.74
N LYS A 109 -1.43 15.52 -13.15
CA LYS A 109 -0.65 16.60 -12.57
C LYS A 109 -1.56 17.78 -12.29
N ASN A 110 -1.06 18.68 -11.45
CA ASN A 110 -1.68 19.98 -11.22
C ASN A 110 -3.13 19.84 -10.75
N PRO A 111 -3.43 18.99 -9.75
CA PRO A 111 -4.84 18.81 -9.37
C PRO A 111 -5.43 20.08 -8.79
N GLN A 112 -6.74 20.25 -8.97
CA GLN A 112 -7.48 21.31 -8.31
C GLN A 112 -8.79 20.73 -7.76
N GLU A 113 -9.20 21.19 -6.59
CA GLU A 113 -10.34 20.63 -5.88
C GLU A 113 -11.36 21.73 -5.64
N MET A 114 -12.60 21.48 -6.06
CA MET A 114 -13.66 22.44 -5.83
C MET A 114 -14.04 22.48 -4.36
N VAL A 115 -14.01 23.67 -3.77
CA VAL A 115 -14.56 23.87 -2.44
C VAL A 115 -16.05 23.58 -2.45
N VAL A 116 -16.75 24.12 -3.44
CA VAL A 116 -18.18 23.88 -3.66
C VAL A 116 -18.29 22.85 -4.78
N LYS A 117 -18.80 21.67 -4.45
CA LYS A 117 -18.89 20.57 -5.39
C LYS A 117 -20.33 20.44 -5.90
N PHE A 118 -20.46 20.09 -7.20
CA PHE A 118 -21.76 20.02 -7.86
C PHE A 118 -22.20 18.57 -7.99
N PRO A 119 -23.47 18.26 -7.68
CA PRO A 119 -23.99 16.92 -7.98
C PRO A 119 -24.00 16.70 -9.47
N ILE A 120 -23.72 15.46 -9.88
CA ILE A 120 -23.56 15.15 -11.29
C ILE A 120 -23.81 13.67 -11.51
N LYS A 121 -24.33 13.33 -12.69
CA LYS A 121 -24.47 11.95 -13.14
C LYS A 121 -23.43 11.67 -14.23
N GLY A 122 -22.66 10.59 -14.05
CA GLY A 122 -21.57 10.26 -14.96
C GLY A 122 -21.99 9.36 -16.12
N ASN A 123 -21.00 9.07 -16.96
CA ASN A 123 -21.10 8.28 -18.19
C ASN A 123 -19.83 7.44 -18.33
N PRO A 124 -19.77 6.45 -19.24
CA PRO A 124 -18.55 5.65 -19.34
C PRO A 124 -17.37 6.46 -19.86
N LYS A 125 -16.17 5.99 -19.49
CA LYS A 125 -14.90 6.41 -20.09
C LYS A 125 -14.71 7.91 -19.84
N ILE A 126 -14.25 8.68 -20.82
CA ILE A 126 -14.12 10.11 -20.65
C ILE A 126 -15.25 10.77 -21.44
N TRP A 127 -16.08 11.53 -20.75
CA TRP A 127 -17.32 12.05 -21.29
C TRP A 127 -17.34 13.57 -21.21
N LYS A 128 -18.28 14.14 -21.96
CA LYS A 128 -18.31 15.58 -22.15
C LYS A 128 -19.16 16.23 -21.05
N LEU A 129 -18.59 17.21 -20.37
CA LEU A 129 -19.38 18.06 -19.48
C LEU A 129 -20.25 19.00 -20.30
N ASP A 130 -21.48 19.25 -19.83
CA ASP A 130 -22.27 20.31 -20.44
C ASP A 130 -21.56 21.64 -20.24
N SER A 131 -21.73 22.55 -21.21
CA SER A 131 -21.04 23.83 -21.18
C SER A 131 -21.38 24.63 -19.93
N LYS A 132 -22.63 24.54 -19.47
CA LYS A 132 -23.06 25.33 -18.31
C LYS A 132 -22.50 24.74 -17.02
N ILE A 133 -22.40 23.42 -16.94
CA ILE A 133 -21.73 22.80 -15.79
C ILE A 133 -20.28 23.22 -15.75
N HIS A 134 -19.60 23.10 -16.90
CA HIS A 134 -18.19 23.46 -17.04
C HIS A 134 -17.91 24.91 -16.63
N GLN A 135 -18.66 25.86 -17.19
CA GLN A 135 -18.45 27.26 -16.82
C GLN A 135 -18.72 27.49 -15.34
N GLY A 136 -19.77 26.87 -14.79
CA GLY A 136 -20.03 26.98 -13.36
C GLY A 136 -18.85 26.51 -12.52
N ALA A 137 -18.35 25.31 -12.80
CA ALA A 137 -17.29 24.73 -11.97
C ALA A 137 -15.99 25.48 -12.14
N LYS A 138 -15.64 25.84 -13.37
CA LYS A 138 -14.42 26.61 -13.61
C LYS A 138 -14.52 28.00 -12.99
N LYS A 139 -15.73 28.55 -12.91
CA LYS A 139 -15.89 29.84 -12.25
C LYS A 139 -15.67 29.71 -10.75
N GLY A 140 -16.12 28.60 -10.15
CA GLY A 140 -15.85 28.37 -8.75
C GLY A 140 -14.38 28.25 -8.43
N LEU A 141 -13.61 27.63 -9.34
CA LEU A 141 -12.17 27.47 -9.14
C LEU A 141 -11.45 28.81 -9.22
N MET A 142 -11.87 29.67 -10.16
CA MET A 142 -11.25 30.99 -10.27
C MET A 142 -11.39 31.76 -8.96
N LYS A 143 -12.52 31.60 -8.28
CA LYS A 143 -12.71 32.15 -6.94
C LYS A 143 -11.70 31.57 -5.93
N GLN A 144 -11.17 30.37 -6.20
CA GLN A 144 -10.12 29.79 -5.38
C GLN A 144 -8.72 30.25 -5.78
N ASN A 145 -8.55 30.75 -7.01
CA ASN A 145 -7.26 31.19 -7.52
C ASN A 145 -7.10 32.71 -7.37
N LYS A 146 -5.85 33.14 -7.30
CA LYS A 146 -5.55 34.57 -7.26
C LYS A 146 -6.00 35.26 -8.55
N ALA A 147 -6.62 36.41 -8.40
CA ALA A 147 -6.97 37.23 -9.55
C ALA A 147 -6.54 38.69 -9.29
N SER C 1 18.69 -19.76 16.98
CA SER C 1 18.54 -19.51 18.42
C SER C 1 18.43 -18.01 18.77
N TRP C 2 17.95 -17.20 17.83
CA TRP C 2 17.65 -15.80 18.07
C TRP C 2 16.32 -15.44 17.42
N CYS C 3 15.51 -14.68 18.12
CA CYS C 3 14.12 -14.49 17.72
C CYS C 3 13.76 -13.01 17.81
N LEU C 4 12.90 -12.57 16.89
CA LEU C 4 12.33 -11.24 16.91
C LEU C 4 10.81 -11.35 17.08
N SER C 5 10.25 -10.58 18.01
CA SER C 5 8.81 -10.51 18.15
C SER C 5 8.25 -9.45 17.22
N VAL C 6 7.14 -9.77 16.54
CA VAL C 6 6.49 -8.85 15.62
C VAL C 6 4.97 -8.92 15.81
N HIS C 7 4.32 -7.77 15.80
CA HIS C 7 2.87 -7.72 15.79
C HIS C 7 2.31 -8.44 14.57
N GLN C 8 1.21 -9.15 14.77
CA GLN C 8 0.39 -9.53 13.66
C GLN C 8 -0.31 -8.28 13.12
N PRO C 9 -0.68 -8.25 11.83
CA PRO C 9 -0.56 -9.31 10.82
C PRO C 9 0.81 -9.34 10.16
N TRP C 10 1.67 -8.35 10.45
CA TRP C 10 3.01 -8.31 9.89
C TRP C 10 3.77 -9.60 10.14
N ALA C 11 3.66 -10.16 11.36
CA ALA C 11 4.47 -11.32 11.72
C ALA C 11 4.26 -12.46 10.73
N SER C 12 3.00 -12.80 10.45
CA SER C 12 2.75 -13.94 9.56
C SER C 12 3.03 -13.59 8.10
N LEU C 13 2.89 -12.32 7.73
CA LEU C 13 3.32 -11.93 6.38
C LEU C 13 4.81 -12.15 6.19
N LEU C 14 5.61 -12.05 7.27
CA LEU C 14 7.05 -12.25 7.13
C LEU C 14 7.40 -13.70 6.84
N VAL C 15 6.89 -14.63 7.64
CA VAL C 15 7.23 -16.04 7.44
C VAL C 15 6.58 -16.59 6.17
N ARG C 16 5.51 -15.97 5.69
CA ARG C 16 4.92 -16.34 4.41
C ARG C 16 5.76 -15.86 3.22
N GLY C 17 6.61 -14.86 3.42
CA GLY C 17 7.33 -14.27 2.31
C GLY C 17 6.60 -13.19 1.57
N ILE C 18 5.38 -12.84 1.98
CA ILE C 18 4.68 -11.72 1.36
C ILE C 18 5.34 -10.41 1.76
N LYS C 19 5.58 -10.21 3.06
CA LYS C 19 6.35 -9.06 3.52
C LYS C 19 7.81 -9.44 3.54
N ARG C 20 8.62 -8.72 2.74
CA ARG C 20 9.99 -9.08 2.46
C ARG C 20 11.01 -8.30 3.27
N VAL C 21 10.61 -7.21 3.93
CA VAL C 21 11.49 -6.42 4.79
C VAL C 21 10.72 -6.01 6.04
N GLU C 22 11.48 -5.68 7.09
CA GLU C 22 10.89 -5.33 8.39
C GLU C 22 11.59 -4.10 8.92
N GLY C 23 10.84 -3.02 9.11
CA GLY C 23 11.41 -1.75 9.53
C GLY C 23 11.41 -1.57 11.04
N ARG C 24 12.50 -1.00 11.55
CA ARG C 24 12.62 -0.69 12.97
C ARG C 24 13.30 0.66 13.11
N SER C 25 13.33 1.16 14.34
CA SER C 25 14.04 2.39 14.66
C SER C 25 15.46 2.14 15.12
N TRP C 26 15.88 0.89 15.28
CA TRP C 26 17.22 0.56 15.76
C TRP C 26 17.90 -0.37 14.77
N TYR C 27 19.24 -0.31 14.78
CA TYR C 27 20.07 -1.19 13.96
C TYR C 27 20.41 -2.45 14.74
N THR C 28 20.39 -3.60 14.05
CA THR C 28 20.95 -4.82 14.64
C THR C 28 22.20 -5.25 13.85
N PRO C 29 23.24 -5.68 14.53
CA PRO C 29 24.37 -6.36 13.86
C PRO C 29 24.08 -7.81 13.53
N HIS C 30 22.90 -8.32 13.91
CA HIS C 30 22.60 -9.72 13.71
C HIS C 30 22.49 -10.06 12.22
N ARG C 31 23.03 -11.22 11.86
CA ARG C 31 22.96 -11.71 10.50
C ARG C 31 22.73 -13.21 10.55
N GLY C 32 21.94 -13.70 9.61
CA GLY C 32 21.61 -15.11 9.58
C GLY C 32 20.21 -15.41 10.08
N ARG C 33 20.04 -16.65 10.52
CA ARG C 33 18.70 -17.12 10.84
C ARG C 33 18.09 -16.29 11.96
N LEU C 34 16.84 -15.87 11.76
CA LEU C 34 16.11 -15.11 12.76
C LEU C 34 14.69 -15.65 12.82
N TRP C 35 14.34 -16.23 13.97
CA TRP C 35 12.97 -16.69 14.21
C TRP C 35 12.02 -15.51 14.37
N ILE C 36 10.74 -15.76 14.07
CA ILE C 36 9.70 -14.75 14.13
C ILE C 36 8.58 -15.26 15.05
N ALA C 37 8.38 -14.60 16.18
CA ALA C 37 7.25 -14.86 17.07
C ALA C 37 6.24 -13.73 16.95
N ALA C 38 4.96 -14.08 16.81
CA ALA C 38 3.92 -13.07 16.92
C ALA C 38 3.81 -12.61 18.37
N THR C 39 3.65 -11.29 18.55
CA THR C 39 3.38 -10.76 19.88
C THR C 39 2.03 -11.26 20.36
N ALA C 40 1.75 -11.00 21.63
CA ALA C 40 0.46 -11.35 22.21
C ALA C 40 -0.69 -10.46 21.70
N LYS C 41 -0.39 -9.31 21.12
CA LYS C 41 -1.45 -8.37 20.77
C LYS C 41 -2.30 -8.91 19.63
N LYS C 42 -3.60 -8.99 19.84
CA LYS C 42 -4.51 -9.57 18.85
C LYS C 42 -4.79 -8.56 17.75
N PRO C 43 -4.58 -8.90 16.49
CA PRO C 43 -4.89 -7.98 15.39
C PRO C 43 -6.40 -7.87 15.17
N SER C 44 -6.85 -6.64 14.91
CA SER C 44 -8.26 -6.40 14.61
C SER C 44 -8.57 -6.74 13.16
N PRO C 45 -9.84 -7.04 12.85
CA PRO C 45 -10.21 -7.22 11.44
C PRO C 45 -9.90 -6.02 10.57
N GLN C 46 -10.04 -4.80 11.10
CA GLN C 46 -9.66 -3.63 10.31
C GLN C 46 -8.18 -3.65 9.95
N GLU C 47 -7.31 -4.01 10.92
CA GLU C 47 -5.88 -4.03 10.62
C GLU C 47 -5.56 -5.12 9.60
N VAL C 48 -6.20 -6.28 9.72
CA VAL C 48 -6.03 -7.32 8.70
C VAL C 48 -6.45 -6.79 7.33
N SER C 49 -7.65 -6.19 7.26
CA SER C 49 -8.13 -5.63 5.99
C SER C 49 -7.15 -4.62 5.45
N GLU C 50 -6.66 -3.72 6.29
CA GLU C 50 -5.76 -2.66 5.85
C GLU C 50 -4.47 -3.24 5.30
N LEU C 51 -3.89 -4.22 5.99
CA LEU C 51 -2.63 -4.80 5.53
C LEU C 51 -2.82 -5.61 4.27
N GLN C 52 -3.90 -6.39 4.21
CA GLN C 52 -4.14 -7.20 3.03
C GLN C 52 -4.41 -6.33 1.81
N ALA C 53 -5.14 -5.23 1.99
CA ALA C 53 -5.33 -4.28 0.90
C ALA C 53 -3.99 -3.71 0.46
N THR C 54 -3.12 -3.37 1.40
CA THR C 54 -1.80 -2.83 1.04
C THR C 54 -0.98 -3.82 0.24
N TYR C 55 -0.96 -5.09 0.65
CA TYR C 55 -0.09 -6.03 -0.06
C TYR C 55 -0.71 -6.55 -1.35
N ARG C 56 -2.04 -6.47 -1.49
CA ARG C 56 -2.63 -6.68 -2.81
C ARG C 56 -2.12 -5.63 -3.80
N LEU C 57 -1.89 -4.41 -3.35
CA LEU C 57 -1.25 -3.42 -4.21
C LEU C 57 0.19 -3.80 -4.54
N LEU C 58 0.96 -4.19 -3.53
CA LEU C 58 2.40 -4.39 -3.70
C LEU C 58 2.73 -5.68 -4.45
N ARG C 59 1.93 -6.72 -4.28
CA ARG C 59 2.23 -8.03 -4.87
C ARG C 59 1.21 -8.48 -5.89
N GLY C 60 0.11 -7.75 -6.07
CA GLY C 60 -0.88 -8.09 -7.07
C GLY C 60 -2.06 -8.83 -6.49
N LYS C 61 -3.11 -8.93 -7.29
CA LYS C 61 -4.36 -9.55 -6.85
C LYS C 61 -4.22 -11.05 -6.58
N ASP C 62 -3.14 -11.68 -7.01
CA ASP C 62 -3.02 -13.13 -6.83
C ASP C 62 -2.49 -13.53 -5.45
N VAL C 63 -2.04 -12.57 -4.64
CA VAL C 63 -1.37 -12.93 -3.40
C VAL C 63 -2.34 -13.67 -2.49
N GLU C 64 -1.85 -14.74 -1.89
CA GLU C 64 -2.60 -15.62 -1.00
C GLU C 64 -2.16 -15.31 0.43
N PHE C 65 -3.08 -14.85 1.26
CA PHE C 65 -2.67 -14.41 2.58
C PHE C 65 -2.78 -15.55 3.57
N PRO C 66 -2.08 -15.44 4.71
CA PRO C 66 -2.30 -16.42 5.78
C PRO C 66 -3.77 -16.51 6.13
N ASN C 67 -4.25 -17.75 6.33
CA ASN C 67 -5.63 -18.04 6.73
C ASN C 67 -5.98 -17.45 8.09
N ASP C 68 -4.96 -17.21 8.91
CA ASP C 68 -5.16 -16.85 10.29
C ASP C 68 -3.87 -16.19 10.71
N TYR C 69 -3.97 -15.28 11.68
CA TYR C 69 -2.82 -14.50 12.13
C TYR C 69 -2.65 -14.74 13.64
N PRO C 70 -2.18 -15.93 14.01
CA PRO C 70 -2.14 -16.29 15.43
C PRO C 70 -1.17 -15.42 16.23
N SER C 71 -1.54 -15.14 17.47
CA SER C 71 -0.76 -14.27 18.34
C SER C 71 -0.03 -15.08 19.40
N GLY C 72 1.05 -14.47 19.93
CA GLY C 72 1.84 -15.10 20.98
C GLY C 72 2.29 -16.50 20.64
N CYS C 73 2.95 -16.62 19.49
CA CYS C 73 3.17 -17.90 18.83
C CYS C 73 4.47 -17.79 18.05
N LEU C 74 5.32 -18.81 18.16
CA LEU C 74 6.47 -18.96 17.27
C LEU C 74 6.00 -19.47 15.90
N LEU C 75 6.29 -18.71 14.85
CA LEU C 75 5.72 -18.92 13.52
C LEU C 75 6.65 -19.59 12.53
N GLY C 76 7.94 -19.36 12.63
CA GLY C 76 8.88 -19.75 11.59
C GLY C 76 10.10 -18.85 11.68
N CYS C 77 10.85 -18.78 10.58
CA CYS C 77 12.08 -18.01 10.58
C CYS C 77 12.34 -17.36 9.23
N VAL C 78 13.17 -16.34 9.28
CA VAL C 78 13.73 -15.73 8.09
C VAL C 78 15.24 -15.78 8.23
N ASP C 79 15.92 -15.45 7.14
CA ASP C 79 17.36 -15.22 7.12
C ASP C 79 17.58 -13.71 7.09
N LEU C 80 18.19 -13.16 8.13
CA LEU C 80 18.49 -11.74 8.16
C LEU C 80 19.82 -11.51 7.44
N ILE C 81 19.75 -11.14 6.16
CA ILE C 81 20.97 -10.97 5.36
C ILE C 81 21.58 -9.58 5.47
N ASP C 82 20.79 -8.54 5.80
CA ASP C 82 21.37 -7.21 5.98
C ASP C 82 20.45 -6.37 6.84
N CYS C 83 21.02 -5.32 7.43
CA CYS C 83 20.25 -4.33 8.18
C CYS C 83 20.63 -2.98 7.61
N LEU C 84 19.83 -2.47 6.68
CA LEU C 84 20.19 -1.28 5.93
C LEU C 84 19.58 -0.03 6.57
N SER C 85 20.30 1.08 6.44
CA SER C 85 19.67 2.38 6.65
C SER C 85 18.61 2.60 5.58
N GLN C 86 17.64 3.47 5.87
CA GLN C 86 16.61 3.76 4.88
C GLN C 86 17.23 4.22 3.57
N LYS C 87 18.29 5.04 3.64
CA LYS C 87 19.00 5.51 2.46
C LYS C 87 19.53 4.35 1.62
N GLN C 88 20.30 3.46 2.25
CA GLN C 88 20.82 2.29 1.55
C GLN C 88 19.68 1.44 1.01
N PHE C 89 18.58 1.36 1.75
CA PHE C 89 17.45 0.56 1.31
C PHE C 89 16.90 1.08 -0.02
N LYS C 90 16.62 2.38 -0.12
CA LYS C 90 16.14 2.92 -1.40
C LYS C 90 17.15 2.69 -2.53
N GLU C 91 18.44 2.68 -2.22
CA GLU C 91 19.44 2.49 -3.26
C GLU C 91 19.53 1.03 -3.68
N GLN C 92 19.54 0.12 -2.71
CA GLN C 92 19.80 -1.28 -3.06
C GLN C 92 18.54 -2.02 -3.50
N PHE C 93 17.36 -1.57 -3.08
CA PHE C 93 16.10 -2.23 -3.44
C PHE C 93 15.12 -1.21 -4.01
N PRO C 94 15.46 -0.62 -5.17
CA PRO C 94 14.62 0.47 -5.69
C PRO C 94 13.23 0.03 -6.10
N ASP C 95 13.04 -1.25 -6.47
CA ASP C 95 11.72 -1.69 -6.89
C ASP C 95 10.80 -2.04 -5.72
N ILE C 96 11.30 -2.05 -4.49
CA ILE C 96 10.41 -2.28 -3.36
C ILE C 96 10.63 -1.18 -2.32
N SER C 97 11.30 -0.08 -2.74
CA SER C 97 11.71 0.95 -1.79
C SER C 97 10.52 1.54 -1.02
N GLN C 98 9.31 1.50 -1.58
CA GLN C 98 8.15 2.07 -0.90
C GLN C 98 7.63 1.18 0.22
N GLU C 99 8.18 -0.03 0.37
CA GLU C 99 7.65 -0.99 1.31
C GLU C 99 8.11 -0.74 2.74
N SER C 100 9.03 0.20 2.99
CA SER C 100 9.42 0.51 4.37
CA SER C 100 9.37 0.54 4.36
C SER C 100 10.02 1.91 4.42
N ASP C 101 9.46 2.78 5.26
CA ASP C 101 9.98 4.11 5.49
C ASP C 101 10.79 4.20 6.77
N SER C 102 11.12 3.06 7.37
CA SER C 102 11.72 3.03 8.69
C SER C 102 13.19 3.43 8.65
N PRO C 103 13.73 3.90 9.78
CA PRO C 103 15.18 4.25 9.81
C PRO C 103 16.07 3.08 9.44
N PHE C 104 15.71 1.87 9.86
CA PHE C 104 16.47 0.69 9.51
C PHE C 104 15.53 -0.36 8.94
N VAL C 105 15.99 -1.02 7.88
CA VAL C 105 15.18 -1.96 7.15
C VAL C 105 15.87 -3.31 7.22
N PHE C 106 15.19 -4.28 7.81
CA PHE C 106 15.72 -5.64 7.98
C PHE C 106 15.43 -6.43 6.71
N ILE C 107 16.49 -6.86 6.01
CA ILE C 107 16.33 -7.55 4.72
C ILE C 107 16.08 -9.02 4.98
N CYS C 108 14.87 -9.52 4.64
CA CYS C 108 14.48 -10.88 5.00
C CYS C 108 14.50 -11.77 3.78
N LYS C 109 15.13 -12.93 3.92
CA LYS C 109 15.22 -13.88 2.84
C LYS C 109 14.97 -15.29 3.34
N ASN C 110 14.65 -16.17 2.41
CA ASN C 110 14.49 -17.61 2.67
C ASN C 110 13.55 -17.91 3.82
N PRO C 111 12.33 -17.35 3.83
CA PRO C 111 11.44 -17.56 4.97
C PRO C 111 11.02 -19.02 5.04
N GLN C 112 10.87 -19.50 6.27
CA GLN C 112 10.23 -20.79 6.51
C GLN C 112 9.13 -20.62 7.55
N GLU C 113 8.01 -21.31 7.36
CA GLU C 113 6.86 -21.19 8.26
C GLU C 113 6.55 -22.55 8.88
N MET C 114 6.43 -22.57 10.21
CA MET C 114 6.08 -23.79 10.91
C MET C 114 4.62 -24.15 10.68
N VAL C 115 4.39 -25.40 10.24
CA VAL C 115 3.03 -25.94 10.19
C VAL C 115 2.45 -26.03 11.59
N VAL C 116 3.23 -26.58 12.52
CA VAL C 116 2.87 -26.66 13.92
C VAL C 116 3.57 -25.51 14.63
N LYS C 117 2.80 -24.57 15.15
CA LYS C 117 3.34 -23.37 15.79
C LYS C 117 3.30 -23.52 17.30
N PHE C 118 4.38 -23.06 17.96
CA PHE C 118 4.48 -23.22 19.42
C PHE C 118 4.06 -21.94 20.11
N PRO C 119 3.25 -22.01 21.18
CA PRO C 119 2.99 -20.80 21.97
C PRO C 119 4.27 -20.32 22.62
N ILE C 120 4.41 -19.01 22.75
CA ILE C 120 5.67 -18.42 23.20
C ILE C 120 5.41 -17.03 23.75
N LYS C 121 6.24 -16.61 24.71
CA LYS C 121 6.24 -15.25 25.25
C LYS C 121 7.52 -14.55 24.82
N GLY C 122 7.38 -13.35 24.24
CA GLY C 122 8.49 -12.62 23.69
C GLY C 122 9.16 -11.66 24.68
N ASN C 123 10.22 -11.02 24.18
CA ASN C 123 11.09 -10.08 24.86
C ASN C 123 11.41 -8.93 23.91
N PRO C 124 12.03 -7.83 24.36
CA PRO C 124 12.33 -6.74 23.42
C PRO C 124 13.44 -7.12 22.44
N LYS C 125 13.39 -6.46 21.28
CA LYS C 125 14.48 -6.44 20.31
C LYS C 125 14.71 -7.89 19.83
N ILE C 126 15.95 -8.32 19.66
CA ILE C 126 16.23 -9.69 19.25
C ILE C 126 16.73 -10.47 20.46
N TRP C 127 16.05 -11.56 20.78
CA TRP C 127 16.18 -12.25 22.04
C TRP C 127 16.42 -13.75 21.82
N LYS C 128 16.93 -14.40 22.85
CA LYS C 128 17.43 -15.77 22.73
C LYS C 128 16.31 -16.78 22.94
N LEU C 129 16.15 -17.68 21.97
CA LEU C 129 15.28 -18.84 22.19
C LEU C 129 15.93 -19.81 23.17
N ASP C 130 15.13 -20.44 24.02
CA ASP C 130 15.66 -21.53 24.81
C ASP C 130 16.06 -22.68 23.89
N SER C 131 17.13 -23.39 24.27
CA SER C 131 17.67 -24.46 23.44
C SER C 131 16.63 -25.52 23.12
N LYS C 132 15.76 -25.80 24.08
CA LYS C 132 14.72 -26.82 23.88
C LYS C 132 13.66 -26.34 22.89
N ILE C 133 13.24 -25.08 23.02
CA ILE C 133 12.30 -24.51 22.05
C ILE C 133 12.90 -24.57 20.66
N HIS C 134 14.14 -24.09 20.53
CA HIS C 134 14.87 -24.09 19.26
C HIS C 134 14.92 -25.48 18.63
N GLN C 135 15.47 -26.45 19.37
CA GLN C 135 15.56 -27.80 18.83
C GLN C 135 14.18 -28.32 18.40
N GLY C 136 13.16 -28.10 19.22
CA GLY C 136 11.81 -28.53 18.86
C GLY C 136 11.33 -27.92 17.55
N ALA C 137 11.39 -26.60 17.45
CA ALA C 137 10.91 -25.91 16.25
C ALA C 137 11.69 -26.32 15.02
N LYS C 138 13.01 -26.32 15.12
CA LYS C 138 13.85 -26.73 14.01
C LYS C 138 13.61 -28.18 13.63
N LYS C 139 13.32 -29.04 14.60
CA LYS C 139 12.98 -30.42 14.26
C LYS C 139 11.68 -30.46 13.45
N GLY C 140 10.72 -29.62 13.83
CA GLY C 140 9.47 -29.56 13.07
C GLY C 140 9.69 -29.13 11.63
N LEU C 141 10.62 -28.20 11.40
CA LEU C 141 10.88 -27.71 10.04
C LEU C 141 11.53 -28.79 9.19
N MET C 142 12.42 -29.59 9.78
CA MET C 142 13.08 -30.67 9.03
C MET C 142 12.05 -31.64 8.49
N LYS C 143 10.98 -31.88 9.24
CA LYS C 143 9.85 -32.70 8.78
C LYS C 143 9.14 -32.07 7.59
N GLN C 144 9.23 -30.74 7.43
CA GLN C 144 8.74 -30.07 6.24
C GLN C 144 9.73 -30.11 5.08
N ASN C 145 11.02 -30.29 5.36
CA ASN C 145 12.03 -30.32 4.32
C ASN C 145 12.30 -31.76 3.88
N LYS C 146 12.83 -31.89 2.66
CA LYS C 146 13.23 -33.18 2.13
C LYS C 146 14.41 -33.74 2.94
N ALA C 147 14.30 -35.00 3.33
CA ALA C 147 15.41 -35.71 3.98
C ALA C 147 15.71 -37.00 3.23
#